data_3GVX
#
_entry.id   3GVX
#
_cell.length_a   66.512
_cell.length_b   77.842
_cell.length_c   152.654
_cell.angle_alpha   90.00
_cell.angle_beta   90.00
_cell.angle_gamma   90.00
#
_symmetry.space_group_name_H-M   'P 21 21 21'
#
loop_
_entity.id
_entity.type
_entity.pdbx_description
1 polymer 'Glycerate dehydrogenase related protein'
2 non-polymer 'POTASSIUM ION'
3 water water
#
_entity_poly.entity_id   1
_entity_poly.type   'polypeptide(L)'
_entity_poly.pdbx_seq_one_letter_code
;LDVYVNFPADGHVREIAKTVLDGFDLHWYPDYYDAEAQVIKDRYVLGKRTK(MSE)IQAISAGVDHIDVNGIPENVVLCS
NAGAYSISVAEHAFALLLAHAKNILENNEL(MSE)KAGIFRQSPTTLLYGKALGILGYGGIGRRVAHLAKAFG(MSE)RV
IAYTRSSVDQNVDVISESPADLFRQSDFVLIAIPLTDKTRG(MSE)VNSRLLANARKNLTIVNVARADVVSKPD(MSE)I
GFLKERSDVWYLSDVWWNEPEITETNLRNAILSPHVAGG(MSE)SGEI(MSE)DIAIQLAFENVRNFFEGEGHHHHHH
;
_entity_poly.pdbx_strand_id   A,B
#
loop_
_chem_comp.id
_chem_comp.type
_chem_comp.name
_chem_comp.formula
K non-polymer 'POTASSIUM ION' 'K 1'
#
# COMPACT_ATOMS: atom_id res chain seq x y z
N LEU A 1 -11.99 0.66 -35.97
CA LEU A 1 -12.13 -0.71 -36.50
C LEU A 1 -10.73 -1.21 -37.01
N ASP A 2 -10.37 -2.41 -36.52
CA ASP A 2 -9.12 -3.07 -36.91
C ASP A 2 -7.83 -2.69 -36.20
N VAL A 3 -7.26 -3.69 -35.51
CA VAL A 3 -6.04 -3.58 -34.76
C VAL A 3 -5.18 -4.80 -35.12
N TYR A 4 -3.89 -4.56 -35.30
CA TYR A 4 -2.97 -5.65 -35.61
C TYR A 4 -1.89 -5.76 -34.56
N VAL A 5 -1.84 -6.91 -33.90
CA VAL A 5 -0.85 -7.17 -32.87
C VAL A 5 0.35 -7.80 -33.54
N ASN A 6 1.40 -7.00 -33.65
CA ASN A 6 2.61 -7.45 -34.32
C ASN A 6 3.64 -8.25 -33.55
N PHE A 7 3.17 -9.28 -32.84
CA PHE A 7 4.05 -10.17 -32.10
C PHE A 7 3.28 -11.40 -31.64
N PRO A 8 3.96 -12.53 -31.43
CA PRO A 8 3.29 -13.75 -30.99
C PRO A 8 2.55 -13.50 -29.67
N ALA A 9 1.24 -13.74 -29.66
CA ALA A 9 0.44 -13.52 -28.47
C ALA A 9 -0.36 -14.77 -28.07
N ASP A 10 -0.20 -15.21 -26.83
CA ASP A 10 -0.93 -16.38 -26.38
C ASP A 10 -2.41 -16.04 -26.22
N GLY A 11 -3.16 -17.03 -25.75
CA GLY A 11 -4.58 -16.88 -25.57
C GLY A 11 -4.98 -15.92 -24.47
N HIS A 12 -4.13 -15.73 -23.48
CA HIS A 12 -4.47 -14.80 -22.41
C HIS A 12 -4.38 -13.35 -22.90
N VAL A 13 -3.44 -13.08 -23.80
CA VAL A 13 -3.29 -11.76 -24.39
C VAL A 13 -4.51 -11.52 -25.25
N ARG A 14 -4.86 -12.55 -25.99
CA ARG A 14 -6.00 -12.49 -26.89
C ARG A 14 -7.30 -12.28 -26.19
N GLU A 15 -7.35 -12.78 -24.99
CA GLU A 15 -8.51 -12.69 -24.13
C GLU A 15 -8.77 -11.26 -23.72
N ILE A 16 -7.72 -10.64 -23.23
CA ILE A 16 -7.75 -9.26 -22.78
C ILE A 16 -8.17 -8.34 -23.93
N ALA A 17 -7.70 -8.65 -25.14
CA ALA A 17 -8.08 -7.85 -26.31
C ALA A 17 -9.57 -7.95 -26.56
N LYS A 18 -10.10 -9.16 -26.43
CA LYS A 18 -11.51 -9.36 -26.63
C LYS A 18 -12.32 -8.53 -25.69
N THR A 19 -11.79 -8.42 -24.48
CA THR A 19 -12.44 -7.66 -23.43
C THR A 19 -12.30 -6.16 -23.65
N VAL A 20 -11.08 -5.69 -23.81
CA VAL A 20 -10.84 -4.28 -23.97
C VAL A 20 -11.20 -3.68 -25.33
N LEU A 21 -10.93 -4.41 -26.40
CA LEU A 21 -11.19 -3.90 -27.74
C LEU A 21 -12.46 -4.48 -28.36
N ASP A 22 -13.53 -4.57 -27.57
CA ASP A 22 -14.78 -5.08 -28.10
C ASP A 22 -15.24 -4.04 -29.09
N GLY A 23 -15.61 -4.47 -30.29
CA GLY A 23 -16.04 -3.52 -31.30
C GLY A 23 -14.91 -3.23 -32.28
N PHE A 24 -13.79 -3.88 -32.07
CA PHE A 24 -12.66 -3.74 -32.97
C PHE A 24 -12.52 -5.10 -33.60
N ASP A 25 -11.76 -5.16 -34.67
CA ASP A 25 -11.48 -6.41 -35.34
C ASP A 25 -10.02 -6.63 -35.08
N LEU A 26 -9.70 -7.77 -34.49
CA LEU A 26 -8.32 -8.08 -34.16
C LEU A 26 -7.63 -8.97 -35.15
N HIS A 27 -6.37 -8.67 -35.35
CA HIS A 27 -5.54 -9.42 -36.25
C HIS A 27 -4.29 -9.68 -35.47
N TRP A 28 -3.82 -10.91 -35.61
CA TRP A 28 -2.67 -11.37 -34.91
C TRP A 28 -1.58 -11.87 -35.78
N TYR A 29 -0.39 -11.57 -35.32
CA TYR A 29 0.81 -12.00 -35.95
C TYR A 29 0.75 -13.54 -35.99
N PRO A 30 1.23 -14.16 -37.07
CA PRO A 30 1.84 -13.59 -38.27
C PRO A 30 0.91 -13.15 -39.41
N ASP A 31 -0.40 -13.21 -39.24
CA ASP A 31 -1.31 -12.80 -40.32
C ASP A 31 -1.46 -11.32 -40.38
N TYR A 32 -0.46 -10.71 -40.99
CA TYR A 32 -0.44 -9.29 -41.14
C TYR A 32 -1.73 -8.75 -41.69
N TYR A 33 -2.17 -7.66 -41.08
CA TYR A 33 -3.36 -6.98 -41.52
C TYR A 33 -3.09 -5.51 -41.46
N ASP A 34 -3.47 -4.82 -42.52
CA ASP A 34 -3.26 -3.39 -42.60
C ASP A 34 -4.28 -2.66 -41.75
N ALA A 35 -3.98 -2.43 -40.47
CA ALA A 35 -4.95 -1.75 -39.66
C ALA A 35 -4.65 -0.32 -39.24
N GLU A 36 -5.67 0.31 -38.67
CA GLU A 36 -5.54 1.68 -38.20
C GLU A 36 -4.62 1.73 -37.00
N ALA A 37 -4.52 0.62 -36.27
CA ALA A 37 -3.65 0.58 -35.11
C ALA A 37 -2.88 -0.72 -35.02
N GLN A 38 -1.59 -0.60 -34.74
CA GLN A 38 -0.83 -1.81 -34.57
C GLN A 38 -0.07 -1.71 -33.28
N VAL A 39 -0.14 -2.78 -32.52
CA VAL A 39 0.50 -2.90 -31.23
C VAL A 39 1.81 -3.62 -31.44
N ILE A 40 2.88 -3.04 -30.92
CA ILE A 40 4.19 -3.61 -31.13
C ILE A 40 5.08 -3.76 -29.90
N LYS A 41 6.19 -4.44 -30.13
CA LYS A 41 7.20 -4.61 -29.12
C LYS A 41 8.31 -3.70 -29.58
N ASP A 42 9.10 -4.17 -30.53
CA ASP A 42 10.21 -3.40 -31.08
C ASP A 42 10.02 -2.94 -32.50
N ARG A 43 9.43 -3.83 -33.30
CA ARG A 43 9.25 -3.50 -34.69
C ARG A 43 7.87 -3.26 -35.18
N TYR A 44 7.78 -2.37 -36.16
CA TYR A 44 6.50 -2.08 -36.75
C TYR A 44 6.55 -2.32 -38.24
N VAL A 45 5.36 -2.34 -38.81
CA VAL A 45 5.15 -2.59 -40.22
C VAL A 45 4.10 -1.63 -40.74
N LEU A 46 4.52 -0.63 -41.50
CA LEU A 46 3.59 0.37 -42.03
C LEU A 46 2.64 -0.10 -43.12
N GLY A 47 1.52 0.60 -43.22
CA GLY A 47 0.50 0.32 -44.21
C GLY A 47 -0.26 1.58 -44.56
N LYS A 48 -1.32 1.45 -45.35
CA LYS A 48 -2.13 2.60 -45.75
C LYS A 48 -2.97 3.14 -44.61
N ARG A 49 -3.48 2.25 -43.77
CA ARG A 49 -4.35 2.68 -42.70
C ARG A 49 -3.76 3.01 -41.36
N THR A 50 -2.44 2.92 -41.27
CA THR A 50 -1.79 3.20 -40.01
C THR A 50 -2.12 4.59 -39.50
N LYS A 51 -2.58 4.67 -38.25
CA LYS A 51 -2.94 5.92 -37.60
C LYS A 51 -2.16 6.03 -36.31
N MSE A 52 -2.02 4.89 -35.65
CA MSE A 52 -1.33 4.84 -34.38
C MSE A 52 -0.61 3.54 -34.12
O MSE A 52 -1.08 2.46 -34.44
CB MSE A 52 -2.32 5.10 -33.24
CG MSE A 52 -1.88 4.66 -31.85
SE MSE A 52 -2.41 3.01 -31.52
CE MSE A 52 -3.92 3.35 -30.67
N ILE A 53 0.56 3.69 -33.52
CA ILE A 53 1.41 2.59 -33.15
C ILE A 53 1.56 2.58 -31.64
N GLN A 54 1.05 1.52 -31.02
CA GLN A 54 1.11 1.36 -29.59
C GLN A 54 2.22 0.42 -29.15
N ALA A 55 3.21 0.94 -28.43
CA ALA A 55 4.29 0.09 -27.90
C ALA A 55 3.76 -0.45 -26.56
N ILE A 56 4.33 -1.57 -26.10
CA ILE A 56 3.89 -2.15 -24.85
C ILE A 56 4.92 -1.91 -23.79
N SER A 57 6.04 -1.33 -24.19
CA SER A 57 7.14 -1.02 -23.29
C SER A 57 6.92 0.33 -22.64
N ALA A 58 7.74 0.62 -21.62
CA ALA A 58 7.70 1.87 -20.87
C ALA A 58 8.14 3.07 -21.68
N GLY A 59 9.15 2.87 -22.52
CA GLY A 59 9.65 3.92 -23.37
C GLY A 59 9.53 3.49 -24.82
N VAL A 60 9.96 4.36 -25.74
CA VAL A 60 9.88 4.06 -27.15
C VAL A 60 11.14 4.45 -27.87
N ASP A 61 12.18 4.83 -27.15
CA ASP A 61 13.41 5.25 -27.80
C ASP A 61 14.21 4.09 -28.43
N HIS A 62 13.75 2.86 -28.23
CA HIS A 62 14.43 1.69 -28.78
C HIS A 62 13.82 1.32 -30.13
N ILE A 63 12.75 1.99 -30.49
CA ILE A 63 12.15 1.67 -31.77
C ILE A 63 12.57 2.74 -32.75
N ASP A 64 12.53 2.40 -34.03
CA ASP A 64 12.93 3.30 -35.09
C ASP A 64 11.91 4.44 -35.33
N VAL A 65 11.93 5.45 -34.45
CA VAL A 65 11.00 6.58 -34.56
C VAL A 65 11.07 7.43 -35.82
N ASN A 66 12.26 7.58 -36.40
CA ASN A 66 12.39 8.39 -37.62
C ASN A 66 11.57 7.80 -38.77
N GLY A 67 11.45 6.48 -38.78
CA GLY A 67 10.70 5.81 -39.82
C GLY A 67 9.20 6.03 -39.69
N ILE A 68 8.78 6.78 -38.68
CA ILE A 68 7.35 6.98 -38.54
C ILE A 68 6.81 8.27 -39.12
N PRO A 69 6.01 8.12 -40.18
CA PRO A 69 5.38 9.25 -40.89
C PRO A 69 4.75 10.14 -39.83
N GLU A 70 4.81 11.46 -40.01
CA GLU A 70 4.23 12.35 -39.03
C GLU A 70 2.71 12.21 -39.07
N ASN A 71 2.18 11.37 -39.96
CA ASN A 71 0.73 11.18 -40.03
C ASN A 71 0.36 10.09 -39.03
N VAL A 72 1.37 9.46 -38.44
CA VAL A 72 1.14 8.42 -37.46
C VAL A 72 1.66 8.71 -36.05
N VAL A 73 0.78 8.50 -35.08
CA VAL A 73 1.09 8.74 -33.69
C VAL A 73 1.67 7.49 -33.00
N LEU A 74 2.86 7.66 -32.41
CA LEU A 74 3.56 6.63 -31.67
C LEU A 74 3.32 6.85 -30.16
N CYS A 75 2.81 5.83 -29.48
CA CYS A 75 2.54 5.90 -28.06
C CYS A 75 3.37 4.93 -27.22
N SER A 76 3.72 5.35 -26.01
CA SER A 76 4.46 4.52 -25.08
C SER A 76 3.39 3.86 -24.21
N ASN A 77 3.81 2.96 -23.31
CA ASN A 77 2.90 2.28 -22.40
C ASN A 77 3.40 2.57 -20.98
N ALA A 78 3.91 3.78 -20.78
CA ALA A 78 4.47 4.22 -19.50
C ALA A 78 3.60 4.08 -18.28
N GLY A 79 2.29 4.23 -18.45
CA GLY A 79 1.37 4.12 -17.32
C GLY A 79 1.33 2.77 -16.62
N ALA A 80 1.53 1.72 -17.39
CA ALA A 80 1.54 0.36 -16.85
C ALA A 80 2.69 0.20 -15.88
N TYR A 81 3.85 0.75 -16.25
CA TYR A 81 5.04 0.66 -15.41
C TYR A 81 5.03 1.59 -14.22
N SER A 82 4.41 2.76 -14.38
CA SER A 82 4.31 3.67 -13.27
C SER A 82 3.55 2.93 -12.19
N ILE A 83 2.50 2.24 -12.60
CA ILE A 83 1.69 1.47 -11.69
C ILE A 83 2.42 0.29 -11.04
N SER A 84 3.09 -0.52 -11.82
CA SER A 84 3.81 -1.65 -11.22
C SER A 84 4.94 -1.19 -10.32
N VAL A 85 5.72 -0.22 -10.77
CA VAL A 85 6.82 0.27 -9.96
C VAL A 85 6.35 0.83 -8.61
N ALA A 86 5.25 1.57 -8.61
CA ALA A 86 4.69 2.12 -7.37
C ALA A 86 4.29 1.02 -6.39
N GLU A 87 3.63 -0.02 -6.89
CA GLU A 87 3.26 -1.13 -6.03
C GLU A 87 4.51 -1.68 -5.37
N HIS A 88 5.53 -1.86 -6.19
CA HIS A 88 6.80 -2.38 -5.71
C HIS A 88 7.49 -1.51 -4.68
N ALA A 89 7.49 -0.20 -4.91
CA ALA A 89 8.13 0.73 -3.98
C ALA A 89 7.41 0.64 -2.63
N PHE A 90 6.09 0.54 -2.66
CA PHE A 90 5.36 0.42 -1.42
C PHE A 90 5.54 -0.94 -0.75
N ALA A 91 5.81 -1.98 -1.53
CA ALA A 91 6.01 -3.31 -0.95
C ALA A 91 7.31 -3.30 -0.14
N LEU A 92 8.35 -2.67 -0.69
CA LEU A 92 9.65 -2.55 -0.01
C LEU A 92 9.51 -1.72 1.26
N LEU A 93 8.90 -0.55 1.08
CA LEU A 93 8.68 0.37 2.17
C LEU A 93 7.88 -0.24 3.32
N LEU A 94 6.80 -0.93 3.01
CA LEU A 94 5.99 -1.55 4.05
C LEU A 94 6.68 -2.74 4.72
N ALA A 95 7.48 -3.48 3.96
CA ALA A 95 8.20 -4.64 4.49
C ALA A 95 9.10 -4.19 5.62
N HIS A 96 9.71 -3.03 5.46
CA HIS A 96 10.57 -2.47 6.48
C HIS A 96 9.79 -1.79 7.59
N ALA A 97 8.78 -0.99 7.22
CA ALA A 97 7.98 -0.31 8.23
C ALA A 97 7.38 -1.31 9.21
N LYS A 98 6.87 -2.43 8.71
CA LYS A 98 6.28 -3.44 9.58
C LYS A 98 7.23 -4.57 10.00
N ASN A 99 8.52 -4.41 9.71
CA ASN A 99 9.51 -5.43 10.08
C ASN A 99 9.01 -6.81 9.69
N ILE A 100 8.47 -6.92 8.49
CA ILE A 100 7.91 -8.16 8.01
C ILE A 100 8.92 -9.30 7.96
N LEU A 101 10.15 -9.02 7.55
CA LEU A 101 11.15 -10.08 7.46
C LEU A 101 11.59 -10.62 8.81
N GLU A 102 11.97 -9.72 9.69
CA GLU A 102 12.43 -10.12 10.99
C GLU A 102 11.37 -10.86 11.79
N ASN A 103 10.14 -10.35 11.78
CA ASN A 103 9.09 -11.03 12.51
C ASN A 103 8.70 -12.36 11.91
N ASN A 104 8.68 -12.45 10.59
CA ASN A 104 8.32 -13.69 9.94
C ASN A 104 9.29 -14.79 10.33
N GLU A 105 10.58 -14.46 10.31
CA GLU A 105 11.64 -15.40 10.67
C GLU A 105 11.43 -15.94 12.07
N LEU A 106 11.20 -15.01 12.99
CA LEU A 106 10.97 -15.35 14.39
C LEU A 106 9.78 -16.24 14.52
N MSE A 107 8.66 -15.77 14.03
CA MSE A 107 7.44 -16.53 14.13
C MSE A 107 7.59 -17.93 13.55
O MSE A 107 7.01 -18.84 14.09
CB MSE A 107 6.29 -15.76 13.52
CG MSE A 107 5.84 -14.58 14.38
SE MSE A 107 4.57 -15.02 15.57
CE MSE A 107 3.70 -16.31 14.73
N LYS A 108 8.37 -18.12 12.50
CA LYS A 108 8.53 -19.47 11.98
C LYS A 108 9.52 -20.31 12.77
N ALA A 109 10.29 -19.66 13.63
CA ALA A 109 11.22 -20.36 14.49
C ALA A 109 10.43 -20.74 15.75
N GLY A 110 9.14 -20.42 15.77
CA GLY A 110 8.29 -20.74 16.90
C GLY A 110 8.46 -19.74 18.02
N ILE A 111 8.80 -18.52 17.64
CA ILE A 111 8.98 -17.46 18.62
C ILE A 111 8.01 -16.35 18.41
N PHE A 112 7.26 -16.13 19.47
CA PHE A 112 6.27 -15.12 19.45
C PHE A 112 6.86 -13.91 20.14
N ARG A 113 7.25 -12.91 19.37
CA ARG A 113 7.82 -11.77 20.02
C ARG A 113 7.45 -10.43 19.44
N GLN A 114 6.62 -9.73 20.20
CA GLN A 114 6.12 -8.44 19.82
C GLN A 114 7.08 -7.27 19.84
N SER A 115 6.93 -6.47 18.82
CA SER A 115 7.71 -5.28 18.62
C SER A 115 6.85 -4.28 17.88
N PRO A 116 7.14 -2.99 18.07
CA PRO A 116 6.39 -1.92 17.41
C PRO A 116 6.76 -1.85 15.94
N THR A 117 5.84 -1.32 15.16
CA THR A 117 6.06 -1.15 13.74
C THR A 117 5.89 0.33 13.49
N THR A 118 6.41 0.77 12.35
CA THR A 118 6.31 2.15 11.94
C THR A 118 5.02 2.30 11.17
N LEU A 119 4.31 3.37 11.45
CA LEU A 119 3.05 3.61 10.77
C LEU A 119 3.31 4.64 9.67
N LEU A 120 2.68 4.45 8.51
CA LEU A 120 2.87 5.37 7.39
C LEU A 120 2.00 6.60 7.57
N TYR A 121 0.77 6.35 7.98
CA TYR A 121 -0.21 7.40 8.21
C TYR A 121 0.36 8.57 9.00
N GLY A 122 0.22 9.77 8.46
CA GLY A 122 0.71 10.96 9.14
C GLY A 122 2.18 11.31 8.91
N LYS A 123 2.88 10.52 8.11
CA LYS A 123 4.28 10.79 7.86
C LYS A 123 4.55 11.50 6.55
N ALA A 124 5.79 11.93 6.39
CA ALA A 124 6.19 12.64 5.20
C ALA A 124 7.05 11.84 4.23
N LEU A 125 6.56 11.74 2.99
CA LEU A 125 7.26 11.04 1.93
C LEU A 125 7.84 12.07 0.99
N GLY A 126 9.17 12.11 0.94
CA GLY A 126 9.87 13.00 0.04
C GLY A 126 10.10 12.25 -1.26
N ILE A 127 9.94 12.93 -2.40
CA ILE A 127 10.13 12.29 -3.69
C ILE A 127 11.10 13.03 -4.61
N LEU A 128 12.19 12.36 -4.99
CA LEU A 128 13.14 12.94 -5.93
C LEU A 128 12.63 12.64 -7.34
N GLY A 129 12.13 13.67 -8.02
CA GLY A 129 11.60 13.48 -9.35
C GLY A 129 10.09 13.35 -9.29
N TYR A 130 9.44 13.65 -10.41
CA TYR A 130 7.99 13.57 -10.45
C TYR A 130 7.47 13.17 -11.81
N GLY A 131 7.96 12.04 -12.31
CA GLY A 131 7.52 11.48 -13.57
C GLY A 131 6.33 10.57 -13.24
N GLY A 132 5.95 9.70 -14.18
CA GLY A 132 4.84 8.79 -13.95
C GLY A 132 4.91 7.97 -12.66
N ILE A 133 6.10 7.54 -12.30
CA ILE A 133 6.28 6.77 -11.08
C ILE A 133 6.03 7.61 -9.83
N GLY A 134 6.63 8.79 -9.80
CA GLY A 134 6.43 9.69 -8.68
C GLY A 134 4.96 10.06 -8.51
N ARG A 135 4.25 10.30 -9.60
CA ARG A 135 2.84 10.65 -9.50
C ARG A 135 1.99 9.52 -8.93
N ARG A 136 2.24 8.31 -9.41
CA ARG A 136 1.51 7.14 -8.95
C ARG A 136 1.78 6.90 -7.48
N VAL A 137 3.03 7.01 -7.10
CA VAL A 137 3.45 6.84 -5.72
C VAL A 137 2.76 7.86 -4.81
N ALA A 138 2.76 9.11 -5.25
CA ALA A 138 2.12 10.21 -4.51
C ALA A 138 0.65 9.90 -4.33
N HIS A 139 0.06 9.36 -5.40
CA HIS A 139 -1.34 8.98 -5.35
C HIS A 139 -1.53 7.93 -4.26
N LEU A 140 -0.61 6.98 -4.15
CA LEU A 140 -0.71 5.94 -3.12
C LEU A 140 -0.49 6.53 -1.74
N ALA A 141 0.54 7.35 -1.64
CA ALA A 141 0.92 8.03 -0.41
C ALA A 141 -0.25 8.81 0.20
N LYS A 142 -0.92 9.62 -0.61
CA LYS A 142 -2.06 10.37 -0.09
C LYS A 142 -3.14 9.43 0.44
N ALA A 143 -3.34 8.31 -0.25
CA ALA A 143 -4.32 7.32 0.19
C ALA A 143 -3.93 6.76 1.55
N PHE A 144 -2.63 6.58 1.75
CA PHE A 144 -2.11 6.07 3.01
C PHE A 144 -2.12 7.18 4.07
N GLY A 145 -2.45 8.40 3.64
CA GLY A 145 -2.48 9.51 4.57
C GLY A 145 -1.12 10.10 4.85
N MSE A 146 -0.25 10.08 3.87
CA MSE A 146 1.08 10.65 4.04
C MSE A 146 1.10 12.04 3.46
O MSE A 146 0.26 12.42 2.66
CB MSE A 146 2.12 9.77 3.35
CG MSE A 146 2.12 8.33 3.80
SE MSE A 146 3.29 7.34 2.87
CE MSE A 146 4.61 7.32 3.84
N ARG A 147 2.10 12.80 3.84
CA ARG A 147 2.29 14.12 3.30
C ARG A 147 3.34 13.92 2.21
N VAL A 148 3.19 14.66 1.11
CA VAL A 148 4.11 14.53 0.00
C VAL A 148 4.90 15.78 -0.34
N ILE A 149 6.21 15.64 -0.28
CA ILE A 149 7.14 16.70 -0.62
C ILE A 149 7.87 16.21 -1.87
N ALA A 150 7.93 17.06 -2.88
CA ALA A 150 8.60 16.66 -4.10
C ALA A 150 9.64 17.66 -4.55
N TYR A 151 10.68 17.10 -5.11
CA TYR A 151 11.75 17.89 -5.64
C TYR A 151 11.76 17.60 -7.13
N THR A 152 11.37 18.59 -7.92
CA THR A 152 11.28 18.42 -9.37
C THR A 152 11.01 19.76 -10.04
N ARG A 153 11.33 19.87 -11.31
CA ARG A 153 11.07 21.08 -12.08
C ARG A 153 9.92 20.76 -13.02
N SER A 154 9.32 19.61 -12.85
CA SER A 154 8.21 19.29 -13.72
C SER A 154 6.97 19.83 -13.04
N SER A 155 5.86 19.77 -13.77
CA SER A 155 4.60 20.22 -13.22
C SER A 155 4.19 19.13 -12.25
N VAL A 156 3.49 19.53 -11.20
CA VAL A 156 3.04 18.58 -10.22
C VAL A 156 1.54 18.64 -10.22
N ASP A 157 0.90 17.70 -9.55
CA ASP A 157 -0.54 17.72 -9.48
C ASP A 157 -0.98 17.99 -8.06
N GLN A 158 -2.24 17.70 -7.78
CA GLN A 158 -2.78 17.94 -6.46
C GLN A 158 -2.30 16.98 -5.36
N ASN A 159 -1.51 15.96 -5.70
CA ASN A 159 -1.06 15.04 -4.66
C ASN A 159 0.29 15.42 -4.07
N VAL A 160 0.77 16.59 -4.47
CA VAL A 160 2.00 17.14 -3.95
C VAL A 160 1.66 18.29 -3.02
N ASP A 161 2.04 18.16 -1.76
CA ASP A 161 1.75 19.18 -0.78
C ASP A 161 2.83 20.24 -0.74
N VAL A 162 4.04 19.84 -1.09
CA VAL A 162 5.16 20.77 -1.06
C VAL A 162 6.17 20.58 -2.17
N ILE A 163 6.51 21.67 -2.85
CA ILE A 163 7.54 21.56 -3.85
C ILE A 163 8.75 21.98 -3.07
N SER A 164 9.73 21.12 -3.00
CA SER A 164 10.96 21.44 -2.28
C SER A 164 11.86 22.12 -3.29
N GLU A 165 12.77 22.98 -2.84
CA GLU A 165 13.64 23.64 -3.79
C GLU A 165 15.05 23.11 -3.85
N SER A 166 15.39 22.18 -2.97
CA SER A 166 16.70 21.57 -2.99
C SER A 166 16.56 20.16 -2.43
N PRO A 167 17.45 19.23 -2.80
CA PRO A 167 17.36 17.86 -2.28
C PRO A 167 17.50 17.82 -0.76
N ALA A 168 18.44 18.61 -0.23
CA ALA A 168 18.71 18.69 1.20
C ALA A 168 17.48 19.17 1.95
N ASP A 169 16.79 20.13 1.35
CA ASP A 169 15.57 20.68 1.93
C ASP A 169 14.54 19.57 1.94
N LEU A 170 14.51 18.78 0.88
CA LEU A 170 13.57 17.68 0.79
C LEU A 170 13.91 16.67 1.86
N PHE A 171 15.19 16.34 1.98
CA PHE A 171 15.63 15.36 2.97
C PHE A 171 15.30 15.73 4.39
N ARG A 172 15.45 17.00 4.72
CA ARG A 172 15.15 17.38 6.08
C ARG A 172 13.68 17.26 6.43
N GLN A 173 12.80 17.35 5.45
CA GLN A 173 11.37 17.24 5.72
C GLN A 173 10.82 15.82 5.56
N SER A 174 11.65 14.88 5.16
CA SER A 174 11.15 13.53 4.89
C SER A 174 11.41 12.39 5.88
N ASP A 175 10.38 11.58 6.11
CA ASP A 175 10.53 10.41 6.95
C ASP A 175 10.88 9.26 6.01
N PHE A 176 10.47 9.40 4.75
CA PHE A 176 10.74 8.42 3.71
C PHE A 176 11.15 9.18 2.48
N VAL A 177 12.00 8.57 1.67
CA VAL A 177 12.42 9.20 0.44
C VAL A 177 12.45 8.21 -0.70
N LEU A 178 11.77 8.57 -1.77
CA LEU A 178 11.75 7.73 -2.95
C LEU A 178 12.58 8.37 -4.02
N ILE A 179 13.48 7.61 -4.62
CA ILE A 179 14.29 8.08 -5.71
C ILE A 179 13.61 7.57 -6.97
N ALA A 180 13.02 8.48 -7.73
CA ALA A 180 12.30 8.16 -8.97
C ALA A 180 12.67 9.26 -9.93
N ILE A 181 13.95 9.52 -10.07
CA ILE A 181 14.40 10.62 -10.88
C ILE A 181 15.30 10.23 -12.06
N PRO A 182 15.20 10.96 -13.18
CA PRO A 182 16.02 10.65 -14.36
C PRO A 182 17.49 10.74 -14.03
N LEU A 183 18.27 9.93 -14.71
CA LEU A 183 19.69 9.94 -14.50
C LEU A 183 20.33 10.85 -15.55
N THR A 184 20.84 11.98 -15.09
CA THR A 184 21.55 12.91 -15.94
C THR A 184 22.87 13.18 -15.25
N ASP A 185 23.69 13.99 -15.88
CA ASP A 185 24.95 14.34 -15.28
C ASP A 185 24.74 15.10 -13.98
N LYS A 186 23.64 15.83 -13.85
CA LYS A 186 23.41 16.54 -12.60
C LYS A 186 22.91 15.65 -11.49
N THR A 187 22.24 14.54 -11.83
CA THR A 187 21.71 13.65 -10.80
C THR A 187 22.63 12.51 -10.44
N ARG A 188 23.55 12.18 -11.33
CA ARG A 188 24.51 11.11 -11.08
C ARG A 188 25.31 11.32 -9.82
N GLY A 189 25.10 10.44 -8.85
CA GLY A 189 25.78 10.56 -7.59
C GLY A 189 25.29 11.75 -6.80
N MSE A 190 24.13 12.30 -7.17
CA MSE A 190 23.58 13.41 -6.42
C MSE A 190 23.30 12.93 -5.01
O MSE A 190 23.27 13.72 -4.07
CB MSE A 190 22.29 13.96 -7.06
CG MSE A 190 21.11 12.99 -7.02
SE MSE A 190 19.61 13.72 -7.74
CE MSE A 190 18.91 14.62 -6.34
N VAL A 191 23.08 11.63 -4.85
CA VAL A 191 22.85 11.09 -3.52
C VAL A 191 24.18 10.66 -2.95
N ASN A 192 24.86 11.62 -2.34
CA ASN A 192 26.16 11.38 -1.73
C ASN A 192 26.17 11.65 -0.22
N SER A 193 27.36 11.63 0.35
CA SER A 193 27.56 11.84 1.79
C SER A 193 26.99 13.16 2.30
N ARG A 194 27.22 14.21 1.55
CA ARG A 194 26.73 15.51 1.93
C ARG A 194 25.21 15.60 1.97
N LEU A 195 24.55 14.94 1.02
CA LEU A 195 23.09 14.97 0.98
C LEU A 195 22.54 14.10 2.10
N LEU A 196 23.00 12.86 2.16
CA LEU A 196 22.58 11.90 3.19
C LEU A 196 22.64 12.46 4.59
N ALA A 197 23.64 13.29 4.84
CA ALA A 197 23.84 13.90 6.14
C ALA A 197 22.57 14.60 6.64
N ASN A 198 21.69 15.00 5.74
CA ASN A 198 20.43 15.69 6.11
C ASN A 198 19.33 14.76 6.59
N ALA A 199 19.61 13.46 6.58
CA ALA A 199 18.65 12.44 6.95
C ALA A 199 18.01 12.47 8.33
N ARG A 200 16.69 12.54 8.31
CA ARG A 200 15.88 12.55 9.50
C ARG A 200 16.23 11.24 10.20
N LYS A 201 15.84 11.11 11.46
CA LYS A 201 16.14 9.87 12.15
C LYS A 201 15.20 8.84 11.61
N ASN A 202 15.71 7.64 11.44
CA ASN A 202 14.91 6.54 10.94
C ASN A 202 14.47 6.74 9.50
N LEU A 203 15.24 7.54 8.77
CA LEU A 203 14.94 7.78 7.37
C LEU A 203 15.03 6.44 6.65
N THR A 204 14.16 6.25 5.68
CA THR A 204 14.17 5.04 4.85
C THR A 204 14.23 5.50 3.42
N ILE A 205 15.27 5.10 2.72
CA ILE A 205 15.37 5.49 1.34
C ILE A 205 14.92 4.33 0.46
N VAL A 206 14.13 4.64 -0.55
CA VAL A 206 13.62 3.66 -1.49
C VAL A 206 14.07 4.05 -2.89
N ASN A 207 14.80 3.16 -3.54
CA ASN A 207 15.32 3.45 -4.87
C ASN A 207 14.72 2.60 -5.97
N VAL A 208 14.00 3.25 -6.87
CA VAL A 208 13.42 2.58 -8.02
C VAL A 208 13.76 3.42 -9.23
N ALA A 209 14.93 4.02 -9.22
CA ALA A 209 15.38 4.84 -10.34
C ALA A 209 16.55 4.08 -10.94
N ARG A 210 17.73 4.66 -10.86
CA ARG A 210 18.91 4.01 -11.37
C ARG A 210 19.90 4.00 -10.21
N ALA A 211 20.76 2.99 -10.15
CA ALA A 211 21.72 2.92 -9.07
C ALA A 211 22.73 4.10 -9.11
N ASP A 212 23.08 4.57 -10.29
CA ASP A 212 24.05 5.68 -10.41
C ASP A 212 23.58 7.03 -9.91
N VAL A 213 22.32 7.14 -9.57
CA VAL A 213 21.81 8.39 -9.03
C VAL A 213 22.37 8.45 -7.63
N VAL A 214 22.81 7.30 -7.15
CA VAL A 214 23.36 7.19 -5.82
C VAL A 214 24.83 6.78 -5.83
N SER A 215 25.58 7.40 -4.92
CA SER A 215 26.98 7.09 -4.76
C SER A 215 27.06 5.82 -3.94
N LYS A 216 27.64 4.80 -4.56
CA LYS A 216 27.75 3.52 -3.86
C LYS A 216 28.61 3.57 -2.62
N PRO A 217 29.93 3.83 -2.76
CA PRO A 217 30.74 3.88 -1.54
C PRO A 217 30.21 4.87 -0.49
N ASP A 218 29.46 5.87 -0.92
CA ASP A 218 28.92 6.81 0.05
C ASP A 218 27.76 6.17 0.79
N MSE A 219 26.86 5.52 0.05
CA MSE A 219 25.73 4.87 0.71
C MSE A 219 26.17 3.77 1.65
O MSE A 219 25.61 3.59 2.72
CB MSE A 219 24.73 4.33 -0.31
CG MSE A 219 23.51 3.65 0.30
SE MSE A 219 22.53 4.75 1.38
CE MSE A 219 21.48 5.58 0.25
N ILE A 220 27.19 3.01 1.25
CA ILE A 220 27.63 1.94 2.12
C ILE A 220 28.20 2.46 3.44
N GLY A 221 29.08 3.45 3.37
CA GLY A 221 29.64 4.01 4.58
C GLY A 221 28.58 4.72 5.39
N PHE A 222 27.67 5.40 4.69
CA PHE A 222 26.61 6.10 5.38
C PHE A 222 25.72 5.14 6.13
N LEU A 223 25.41 4.00 5.53
CA LEU A 223 24.57 2.99 6.13
C LEU A 223 25.22 2.30 7.30
N LYS A 224 26.54 2.41 7.35
CA LYS A 224 27.32 1.78 8.41
C LYS A 224 27.37 2.74 9.57
N GLU A 225 27.48 3.99 9.19
CA GLU A 225 27.57 5.16 10.04
C GLU A 225 26.26 5.53 10.73
N ARG A 226 25.14 5.39 10.03
CA ARG A 226 23.80 5.68 10.57
C ARG A 226 23.02 4.37 10.55
N SER A 227 23.19 3.55 11.59
CA SER A 227 22.52 2.26 11.67
C SER A 227 20.99 2.36 11.63
N ASP A 228 20.45 3.55 11.85
CA ASP A 228 18.99 3.72 11.86
C ASP A 228 18.39 3.97 10.48
N VAL A 229 19.23 4.30 9.52
CA VAL A 229 18.77 4.56 8.16
C VAL A 229 18.82 3.33 7.30
N TRP A 230 17.73 3.09 6.59
CA TRP A 230 17.65 1.96 5.72
C TRP A 230 17.58 2.35 4.27
N TYR A 231 18.14 1.48 3.44
CA TYR A 231 18.14 1.72 2.03
C TYR A 231 17.51 0.48 1.40
N LEU A 232 16.34 0.68 0.82
CA LEU A 232 15.58 -0.37 0.15
C LEU A 232 15.70 -0.06 -1.34
N SER A 233 16.13 -1.05 -2.11
CA SER A 233 16.36 -0.78 -3.52
C SER A 233 16.06 -1.90 -4.52
N ASP A 234 15.53 -1.49 -5.66
CA ASP A 234 15.21 -2.41 -6.72
C ASP A 234 16.34 -2.36 -7.74
N VAL A 235 17.29 -1.45 -7.50
CA VAL A 235 18.42 -1.31 -8.39
C VAL A 235 19.75 -1.30 -7.67
N TRP A 236 20.73 -1.88 -8.34
CA TRP A 236 22.06 -1.97 -7.77
C TRP A 236 23.12 -1.69 -8.82
N TRP A 237 24.30 -1.28 -8.37
CA TRP A 237 25.38 -0.96 -9.30
C TRP A 237 25.95 -2.18 -9.99
N ASN A 238 26.00 -2.09 -11.31
CA ASN A 238 26.54 -3.15 -12.15
C ASN A 238 25.81 -4.46 -12.16
N GLU A 239 24.50 -4.41 -12.35
CA GLU A 239 23.72 -5.62 -12.39
C GLU A 239 24.17 -6.28 -13.69
N PRO A 240 24.29 -7.60 -13.72
CA PRO A 240 24.03 -8.53 -12.63
C PRO A 240 25.19 -8.86 -11.69
N GLU A 241 26.41 -8.37 -11.95
CA GLU A 241 27.53 -8.66 -11.03
C GLU A 241 27.50 -7.70 -9.89
N ILE A 242 26.52 -7.91 -9.05
CA ILE A 242 26.35 -7.06 -7.91
C ILE A 242 27.30 -7.51 -6.81
N THR A 243 27.87 -6.53 -6.12
CA THR A 243 28.77 -6.80 -5.02
C THR A 243 28.44 -5.88 -3.88
N GLU A 244 28.84 -6.31 -2.68
CA GLU A 244 28.61 -5.55 -1.48
C GLU A 244 27.15 -5.45 -1.14
N THR A 245 26.44 -6.55 -1.35
CA THR A 245 25.02 -6.55 -1.09
C THR A 245 24.61 -7.06 0.28
N ASN A 246 25.54 -7.68 1.01
CA ASN A 246 25.18 -8.20 2.32
C ASN A 246 25.18 -7.16 3.42
N LEU A 247 24.16 -6.32 3.43
CA LEU A 247 24.00 -5.30 4.45
C LEU A 247 22.83 -5.67 5.29
N ARG A 248 22.89 -5.23 6.54
CA ARG A 248 21.82 -5.48 7.44
C ARG A 248 20.67 -4.56 7.13
N ASN A 249 20.93 -3.25 7.15
CA ASN A 249 19.89 -2.25 6.93
C ASN A 249 19.59 -1.91 5.48
N ALA A 250 19.17 -2.92 4.75
CA ALA A 250 18.80 -2.79 3.35
C ALA A 250 17.87 -3.92 3.01
N ILE A 251 17.07 -3.71 1.98
CA ILE A 251 16.19 -4.75 1.49
C ILE A 251 16.34 -4.56 0.02
N LEU A 252 16.55 -5.67 -0.66
CA LEU A 252 16.79 -5.58 -2.08
C LEU A 252 15.96 -6.50 -2.92
N SER A 253 15.82 -6.09 -4.18
CA SER A 253 15.10 -6.85 -5.17
C SER A 253 15.90 -6.69 -6.47
N PRO A 254 15.89 -7.70 -7.33
CA PRO A 254 16.61 -7.69 -8.61
C PRO A 254 15.97 -6.95 -9.79
N HIS A 255 15.77 -5.63 -9.65
CA HIS A 255 15.24 -4.84 -10.74
C HIS A 255 13.96 -5.41 -11.37
N VAL A 256 13.00 -5.80 -10.54
CA VAL A 256 11.75 -6.36 -11.04
C VAL A 256 10.52 -5.49 -10.76
N ALA A 257 10.75 -4.23 -10.40
CA ALA A 257 9.65 -3.32 -10.12
C ALA A 257 8.74 -3.16 -11.33
N GLY A 258 9.31 -3.35 -12.51
CA GLY A 258 8.54 -3.22 -13.71
C GLY A 258 8.67 -4.28 -14.78
N GLY A 259 8.99 -3.79 -15.98
CA GLY A 259 9.17 -4.65 -17.13
C GLY A 259 10.36 -5.57 -17.03
N MSE A 260 10.13 -6.84 -17.37
CA MSE A 260 11.20 -7.80 -17.30
C MSE A 260 11.71 -8.32 -18.61
O MSE A 260 10.98 -8.60 -19.57
CB MSE A 260 10.81 -8.99 -16.46
CG MSE A 260 11.95 -9.54 -15.68
SE MSE A 260 11.07 -10.59 -14.57
CE MSE A 260 9.87 -9.29 -13.87
N SER A 261 13.00 -8.39 -18.63
CA SER A 261 13.72 -8.88 -19.76
C SER A 261 12.97 -10.11 -20.31
N GLY A 262 12.50 -11.00 -19.44
CA GLY A 262 11.81 -12.19 -19.93
C GLY A 262 10.34 -12.15 -20.38
N GLU A 263 9.62 -11.07 -20.08
CA GLU A 263 8.22 -11.07 -20.43
C GLU A 263 7.38 -9.80 -20.41
N ILE A 264 6.08 -10.01 -20.55
CA ILE A 264 5.09 -8.94 -20.60
C ILE A 264 4.08 -9.05 -19.47
N MSE A 265 4.04 -8.05 -18.61
CA MSE A 265 3.07 -8.07 -17.53
C MSE A 265 1.68 -8.03 -18.18
O MSE A 265 1.49 -7.43 -19.23
CB MSE A 265 3.28 -6.86 -16.61
CG MSE A 265 4.64 -6.83 -15.95
SE MSE A 265 4.73 -5.51 -14.73
CE MSE A 265 4.85 -4.11 -15.74
N ASP A 266 0.71 -8.69 -17.55
CA ASP A 266 -0.66 -8.67 -18.05
C ASP A 266 -1.17 -7.25 -18.08
N ILE A 267 -0.77 -6.50 -17.06
CA ILE A 267 -1.18 -5.14 -16.93
C ILE A 267 -0.67 -4.26 -18.08
N ALA A 268 0.53 -4.55 -18.57
CA ALA A 268 1.09 -3.81 -19.70
C ALA A 268 0.21 -4.02 -20.93
N ILE A 269 -0.12 -5.27 -21.22
CA ILE A 269 -0.98 -5.63 -22.34
C ILE A 269 -2.32 -4.94 -22.21
N GLN A 270 -2.86 -5.04 -21.01
CA GLN A 270 -4.13 -4.43 -20.63
C GLN A 270 -4.18 -2.93 -20.91
N LEU A 271 -3.25 -2.18 -20.33
CA LEU A 271 -3.21 -0.74 -20.52
C LEU A 271 -2.82 -0.31 -21.92
N ALA A 272 -2.11 -1.15 -22.66
CA ALA A 272 -1.75 -0.80 -24.03
C ALA A 272 -3.00 -0.86 -24.89
N PHE A 273 -3.80 -1.91 -24.71
CA PHE A 273 -5.05 -2.04 -25.45
C PHE A 273 -6.05 -0.96 -25.06
N GLU A 274 -6.05 -0.60 -23.78
CA GLU A 274 -6.93 0.44 -23.33
C GLU A 274 -6.53 1.77 -23.91
N ASN A 275 -5.23 1.97 -24.06
CA ASN A 275 -4.75 3.21 -24.63
C ASN A 275 -5.16 3.26 -26.07
N VAL A 276 -5.20 2.12 -26.74
CA VAL A 276 -5.58 2.08 -28.14
C VAL A 276 -7.04 2.48 -28.24
N ARG A 277 -7.85 1.88 -27.36
CA ARG A 277 -9.26 2.15 -27.34
C ARG A 277 -9.54 3.63 -27.05
N ASN A 278 -8.79 4.19 -26.11
CA ASN A 278 -8.96 5.59 -25.75
C ASN A 278 -8.59 6.52 -26.90
N PHE A 279 -7.51 6.18 -27.59
CA PHE A 279 -7.05 6.97 -28.71
C PHE A 279 -8.17 7.24 -29.73
N PHE A 280 -9.05 6.25 -29.92
CA PHE A 280 -10.18 6.34 -30.87
C PHE A 280 -11.51 6.58 -30.13
N GLU A 281 -11.41 6.80 -28.82
CA GLU A 281 -12.53 7.03 -27.92
C GLU A 281 -13.42 5.82 -27.84
N LEU B 1 -15.36 27.16 19.14
CA LEU B 1 -16.29 27.79 20.12
C LEU B 1 -16.33 26.93 21.38
N ASP B 2 -15.26 26.91 22.15
CA ASP B 2 -15.25 26.17 23.40
C ASP B 2 -15.02 24.67 23.37
N VAL B 3 -13.84 24.28 23.84
CA VAL B 3 -13.44 22.90 23.97
C VAL B 3 -12.64 22.88 25.26
N TYR B 4 -12.87 21.86 26.06
CA TYR B 4 -12.13 21.76 27.29
C TYR B 4 -11.48 20.41 27.33
N VAL B 5 -10.15 20.44 27.44
CA VAL B 5 -9.34 19.24 27.50
C VAL B 5 -9.16 18.95 28.97
N ASN B 6 -9.90 17.95 29.41
CA ASN B 6 -9.94 17.55 30.80
C ASN B 6 -8.84 16.64 31.28
N PHE B 7 -7.63 16.95 30.87
CA PHE B 7 -6.47 16.21 31.31
C PHE B 7 -5.22 17.02 31.02
N PRO B 8 -4.12 16.70 31.70
CA PRO B 8 -2.82 17.36 31.56
C PRO B 8 -2.32 17.10 30.14
N ALA B 9 -1.99 18.17 29.42
CA ALA B 9 -1.52 18.01 28.05
C ALA B 9 -0.30 18.89 27.83
N ASP B 10 0.68 18.40 27.10
CA ASP B 10 1.84 19.22 26.86
C ASP B 10 1.72 20.13 25.64
N GLY B 11 2.84 20.79 25.33
CA GLY B 11 2.91 21.71 24.22
C GLY B 11 2.72 20.99 22.90
N HIS B 12 3.15 19.73 22.82
CA HIS B 12 2.97 18.97 21.60
C HIS B 12 1.48 18.80 21.34
N VAL B 13 0.82 18.25 22.35
CA VAL B 13 -0.61 18.05 22.30
C VAL B 13 -1.26 19.39 22.01
N ARG B 14 -0.85 20.41 22.74
CA ARG B 14 -1.41 21.74 22.54
C ARG B 14 -1.26 22.29 21.14
N GLU B 15 -0.09 22.12 20.51
CA GLU B 15 0.06 22.63 19.15
C GLU B 15 -0.90 21.95 18.20
N ILE B 16 -0.90 20.62 18.23
CA ILE B 16 -1.80 19.82 17.41
C ILE B 16 -3.20 20.37 17.56
N ALA B 17 -3.59 20.56 18.82
CA ALA B 17 -4.89 21.12 19.13
C ALA B 17 -5.10 22.48 18.47
N LYS B 18 -4.18 23.42 18.65
CA LYS B 18 -4.38 24.73 18.00
C LYS B 18 -4.43 24.62 16.49
N THR B 19 -3.72 23.67 15.90
CA THR B 19 -3.78 23.60 14.45
C THR B 19 -5.11 23.01 14.02
N VAL B 20 -5.47 21.86 14.58
CA VAL B 20 -6.72 21.21 14.22
C VAL B 20 -7.94 22.00 14.62
N LEU B 21 -7.93 22.56 15.82
CA LEU B 21 -9.08 23.31 16.31
C LEU B 21 -8.91 24.81 16.25
N ASP B 22 -8.16 25.29 15.25
CA ASP B 22 -7.97 26.71 15.10
C ASP B 22 -9.32 27.29 14.70
N GLY B 23 -9.87 28.13 15.56
CA GLY B 23 -11.17 28.71 15.32
C GLY B 23 -12.16 28.29 16.41
N PHE B 24 -11.62 27.65 17.44
CA PHE B 24 -12.37 27.21 18.61
C PHE B 24 -11.57 27.74 19.75
N ASP B 25 -12.26 28.16 20.80
CA ASP B 25 -11.55 28.62 21.97
C ASP B 25 -11.24 27.37 22.74
N LEU B 26 -10.00 27.26 23.18
CA LEU B 26 -9.57 26.11 23.93
C LEU B 26 -9.30 26.41 25.38
N HIS B 27 -9.60 25.43 26.20
CA HIS B 27 -9.37 25.54 27.60
C HIS B 27 -8.66 24.31 28.03
N TRP B 28 -7.73 24.50 28.94
CA TRP B 28 -6.94 23.43 29.41
C TRP B 28 -7.00 23.20 30.88
N TYR B 29 -7.01 21.93 31.17
CA TYR B 29 -7.03 21.45 32.51
C TYR B 29 -5.75 21.93 33.20
N PRO B 30 -5.83 22.30 34.50
CA PRO B 30 -7.04 22.26 35.33
C PRO B 30 -7.83 23.57 35.39
N ASP B 31 -7.80 24.36 34.32
CA ASP B 31 -8.58 25.59 34.32
C ASP B 31 -9.91 25.38 33.66
N TYR B 32 -10.67 24.59 34.37
CA TYR B 32 -11.99 24.18 33.97
C TYR B 32 -12.81 25.27 33.34
N TYR B 33 -13.59 24.84 32.37
CA TYR B 33 -14.47 25.74 31.68
C TYR B 33 -15.62 24.96 31.08
N ASP B 34 -16.83 25.46 31.31
CA ASP B 34 -18.06 24.87 30.83
C ASP B 34 -18.13 25.01 29.32
N ALA B 35 -17.49 24.09 28.61
CA ALA B 35 -17.49 24.15 27.15
C ALA B 35 -18.49 23.22 26.47
N GLU B 36 -18.70 23.46 25.18
CA GLU B 36 -19.61 22.64 24.39
C GLU B 36 -18.96 21.29 24.14
N ALA B 37 -17.64 21.27 24.00
CA ALA B 37 -16.94 20.05 23.76
C ALA B 37 -15.92 19.78 24.84
N GLN B 38 -15.84 18.54 25.24
CA GLN B 38 -14.91 18.11 26.25
C GLN B 38 -14.14 16.91 25.74
N VAL B 39 -12.82 16.96 25.84
CA VAL B 39 -11.99 15.85 25.40
C VAL B 39 -11.51 15.21 26.68
N ILE B 40 -11.66 13.90 26.79
CA ILE B 40 -11.30 13.21 28.00
C ILE B 40 -10.55 11.92 27.80
N LYS B 41 -10.08 11.39 28.91
CA LYS B 41 -9.44 10.11 28.92
C LYS B 41 -10.38 9.19 29.70
N ASP B 42 -10.51 9.46 30.99
CA ASP B 42 -11.35 8.65 31.85
C ASP B 42 -12.52 9.35 32.49
N ARG B 43 -12.39 10.63 32.75
CA ARG B 43 -13.46 11.35 33.38
C ARG B 43 -13.93 12.57 32.65
N TYR B 44 -15.23 12.80 32.72
CA TYR B 44 -15.82 13.95 32.10
C TYR B 44 -16.33 14.77 33.27
N VAL B 45 -16.69 16.01 33.00
CA VAL B 45 -17.20 16.90 34.01
C VAL B 45 -18.43 17.55 33.40
N LEU B 46 -19.60 17.26 33.95
CA LEU B 46 -20.82 17.82 33.38
C LEU B 46 -20.95 19.31 33.61
N GLY B 47 -21.44 19.98 32.59
CA GLY B 47 -21.64 21.41 32.67
C GLY B 47 -23.03 21.73 32.20
N LYS B 48 -23.24 23.00 31.96
CA LYS B 48 -24.52 23.48 31.50
C LYS B 48 -24.53 23.62 30.00
N ARG B 49 -23.36 23.72 29.40
CA ARG B 49 -23.28 23.88 27.96
C ARG B 49 -22.79 22.63 27.21
N THR B 50 -22.55 21.56 27.96
CA THR B 50 -22.04 20.32 27.39
C THR B 50 -22.91 19.74 26.30
N LYS B 51 -22.31 19.49 25.14
CA LYS B 51 -23.01 18.90 24.02
C LYS B 51 -22.32 17.65 23.58
N MSE B 52 -21.00 17.65 23.73
CA MSE B 52 -20.23 16.53 23.25
C MSE B 52 -19.01 16.19 24.08
O MSE B 52 -18.28 17.07 24.52
CB MSE B 52 -19.83 16.79 21.80
CG MSE B 52 -18.98 15.70 21.12
SE MSE B 52 -17.27 15.80 21.72
CE MSE B 52 -16.38 15.70 20.49
N ILE B 53 -18.80 14.89 24.25
CA ILE B 53 -17.67 14.39 25.00
C ILE B 53 -16.87 13.45 24.11
N GLN B 54 -15.59 13.74 23.97
CA GLN B 54 -14.71 12.95 23.12
C GLN B 54 -13.61 12.21 23.88
N ALA B 55 -13.71 10.89 23.94
CA ALA B 55 -12.71 10.06 24.59
C ALA B 55 -11.56 9.94 23.58
N ILE B 56 -10.34 9.85 24.07
CA ILE B 56 -9.20 9.74 23.16
C ILE B 56 -8.83 8.29 22.96
N SER B 57 -9.44 7.41 23.74
CA SER B 57 -9.17 5.98 23.61
C SER B 57 -10.13 5.34 22.62
N ALA B 58 -9.84 4.10 22.24
CA ALA B 58 -10.66 3.35 21.29
C ALA B 58 -11.99 2.91 21.88
N GLY B 59 -11.97 2.52 23.15
CA GLY B 59 -13.17 2.08 23.84
C GLY B 59 -13.60 3.01 24.97
N VAL B 60 -14.86 2.89 25.36
CA VAL B 60 -15.42 3.71 26.41
C VAL B 60 -15.94 2.90 27.58
N ASP B 61 -15.69 1.60 27.58
CA ASP B 61 -16.21 0.80 28.67
C ASP B 61 -15.76 1.20 30.06
N HIS B 62 -14.65 1.94 30.14
CA HIS B 62 -14.13 2.41 31.43
C HIS B 62 -14.74 3.77 31.78
N ILE B 63 -15.60 4.28 30.91
CA ILE B 63 -16.22 5.57 31.15
C ILE B 63 -17.64 5.39 31.68
N ASP B 64 -18.02 6.25 32.62
CA ASP B 64 -19.34 6.22 33.23
C ASP B 64 -20.42 6.70 32.25
N VAL B 65 -20.62 5.89 31.22
CA VAL B 65 -21.61 6.14 30.17
C VAL B 65 -23.04 6.29 30.68
N ASN B 66 -23.44 5.42 31.59
CA ASN B 66 -24.76 5.44 32.19
C ASN B 66 -25.04 6.81 32.79
N GLY B 67 -23.98 7.47 33.25
CA GLY B 67 -24.09 8.78 33.85
C GLY B 67 -24.14 9.94 32.86
N ILE B 68 -24.09 9.64 31.57
CA ILE B 68 -24.11 10.74 30.62
C ILE B 68 -25.54 11.11 30.22
N PRO B 69 -25.91 12.37 30.46
CA PRO B 69 -27.26 12.85 30.13
C PRO B 69 -27.64 12.60 28.66
N GLU B 70 -28.92 12.34 28.44
CA GLU B 70 -29.46 12.06 27.13
C GLU B 70 -29.06 12.98 25.97
N ASN B 71 -28.93 14.27 26.22
CA ASN B 71 -28.58 15.22 25.15
C ASN B 71 -27.09 15.28 24.79
N VAL B 72 -26.26 14.69 25.63
CA VAL B 72 -24.81 14.70 25.44
C VAL B 72 -24.30 13.50 24.64
N VAL B 73 -23.64 13.80 23.53
CA VAL B 73 -23.12 12.76 22.69
C VAL B 73 -21.72 12.32 23.09
N LEU B 74 -21.56 11.02 23.29
CA LEU B 74 -20.26 10.47 23.66
C LEU B 74 -19.64 9.84 22.42
N CYS B 75 -18.44 10.29 22.08
CA CYS B 75 -17.71 9.76 20.94
C CYS B 75 -16.41 9.13 21.44
N SER B 76 -15.95 8.11 20.72
CA SER B 76 -14.70 7.46 21.10
C SER B 76 -13.71 7.69 19.96
N ASN B 77 -12.51 7.15 20.11
CA ASN B 77 -11.45 7.36 19.12
C ASN B 77 -10.72 6.07 18.74
N ALA B 78 -11.28 5.32 17.80
CA ALA B 78 -10.72 4.04 17.36
C ALA B 78 -10.12 3.99 15.95
N GLY B 79 -10.10 5.12 15.26
CA GLY B 79 -9.54 5.15 13.92
C GLY B 79 -8.11 4.66 13.74
N ALA B 80 -7.23 5.00 14.67
CA ALA B 80 -5.81 4.62 14.58
C ALA B 80 -5.61 3.12 14.46
N TYR B 81 -6.44 2.38 15.17
CA TYR B 81 -6.35 0.94 15.14
C TYR B 81 -6.64 0.32 13.78
N SER B 82 -7.75 0.66 13.15
CA SER B 82 -8.05 0.11 11.84
C SER B 82 -7.06 0.64 10.79
N ILE B 83 -6.63 1.88 10.93
CA ILE B 83 -5.65 2.47 10.02
C ILE B 83 -4.39 1.60 10.06
N SER B 84 -3.92 1.37 11.27
CA SER B 84 -2.74 0.56 11.51
C SER B 84 -2.91 -0.85 10.98
N VAL B 85 -4.06 -1.46 11.26
CA VAL B 85 -4.28 -2.83 10.81
C VAL B 85 -4.36 -2.96 9.28
N ALA B 86 -5.00 -2.00 8.62
CA ALA B 86 -5.10 -2.02 7.17
C ALA B 86 -3.71 -1.92 6.55
N GLU B 87 -2.86 -1.08 7.16
CA GLU B 87 -1.48 -0.90 6.68
C GLU B 87 -0.67 -2.17 6.84
N HIS B 88 -0.92 -2.88 7.93
CA HIS B 88 -0.18 -4.11 8.17
C HIS B 88 -0.62 -5.20 7.21
N ALA B 89 -1.91 -5.17 6.85
CA ALA B 89 -2.46 -6.14 5.92
C ALA B 89 -1.87 -5.94 4.52
N PHE B 90 -1.73 -4.69 4.10
CA PHE B 90 -1.17 -4.47 2.79
C PHE B 90 0.32 -4.82 2.78
N ALA B 91 0.97 -4.68 3.94
CA ALA B 91 2.38 -5.00 4.06
C ALA B 91 2.62 -6.50 3.83
N LEU B 92 1.74 -7.33 4.39
CA LEU B 92 1.86 -8.79 4.21
C LEU B 92 1.54 -9.15 2.78
N LEU B 93 0.46 -8.56 2.33
CA LEU B 93 -0.05 -8.73 0.98
C LEU B 93 1.02 -8.48 -0.08
N LEU B 94 1.65 -7.31 0.01
CA LEU B 94 2.70 -6.94 -0.94
C LEU B 94 4.01 -7.71 -0.74
N ALA B 95 4.28 -8.15 0.49
CA ALA B 95 5.49 -8.92 0.76
C ALA B 95 5.46 -10.17 -0.09
N HIS B 96 4.30 -10.81 -0.11
CA HIS B 96 4.10 -12.02 -0.90
C HIS B 96 3.96 -11.74 -2.39
N ALA B 97 3.16 -10.74 -2.75
CA ALA B 97 2.97 -10.40 -4.15
C ALA B 97 4.26 -10.06 -4.88
N LYS B 98 5.19 -9.36 -4.23
CA LYS B 98 6.45 -8.99 -4.87
C LYS B 98 7.61 -9.91 -4.53
N ASN B 99 7.28 -11.05 -3.92
CA ASN B 99 8.28 -12.02 -3.52
C ASN B 99 9.43 -11.31 -2.83
N ILE B 100 9.08 -10.42 -1.92
CA ILE B 100 10.07 -9.64 -1.21
C ILE B 100 11.12 -10.45 -0.44
N LEU B 101 10.68 -11.41 0.38
CA LEU B 101 11.63 -12.22 1.17
C LEU B 101 12.61 -13.07 0.36
N GLU B 102 12.06 -13.78 -0.61
CA GLU B 102 12.86 -14.64 -1.46
C GLU B 102 13.88 -13.87 -2.30
N ASN B 103 13.44 -12.79 -2.94
CA ASN B 103 14.37 -11.99 -3.74
C ASN B 103 15.44 -11.34 -2.88
N ASN B 104 15.06 -10.86 -1.72
CA ASN B 104 16.01 -10.21 -0.84
C ASN B 104 17.07 -11.19 -0.38
N GLU B 105 16.64 -12.40 -0.05
CA GLU B 105 17.58 -13.43 0.35
C GLU B 105 18.59 -13.68 -0.75
N LEU B 106 18.11 -13.81 -1.98
CA LEU B 106 18.98 -14.02 -3.13
C LEU B 106 19.92 -12.84 -3.37
N MSE B 107 19.38 -11.64 -3.47
CA MSE B 107 20.20 -10.45 -3.70
C MSE B 107 21.34 -10.28 -2.68
O MSE B 107 22.45 -9.90 -3.03
CB MSE B 107 19.33 -9.18 -3.71
CG MSE B 107 18.43 -9.04 -4.90
SE MSE B 107 19.32 -8.65 -6.41
CE MSE B 107 20.08 -7.21 -6.00
N LYS B 108 21.06 -10.55 -1.41
CA LYS B 108 22.07 -10.39 -0.39
C LYS B 108 23.24 -11.36 -0.43
N ALA B 109 23.04 -12.47 -1.12
CA ALA B 109 24.09 -13.45 -1.27
C ALA B 109 24.78 -13.21 -2.62
N GLY B 110 24.48 -12.07 -3.24
CA GLY B 110 25.07 -11.72 -4.52
C GLY B 110 24.49 -12.45 -5.72
N ILE B 111 23.31 -13.03 -5.57
CA ILE B 111 22.66 -13.75 -6.65
C ILE B 111 21.56 -12.88 -7.24
N PHE B 112 21.80 -12.43 -8.46
CA PHE B 112 20.87 -11.57 -9.15
C PHE B 112 19.98 -12.42 -9.99
N ARG B 113 18.72 -12.51 -9.62
CA ARG B 113 17.87 -13.36 -10.38
C ARG B 113 16.44 -12.91 -10.48
N GLN B 114 16.09 -12.51 -11.69
CA GLN B 114 14.78 -11.98 -11.94
C GLN B 114 13.70 -13.02 -12.06
N SER B 115 12.53 -12.60 -11.58
CA SER B 115 11.37 -13.43 -11.62
C SER B 115 10.17 -12.49 -11.56
N PRO B 116 9.06 -12.92 -12.14
CA PRO B 116 7.86 -12.09 -12.14
C PRO B 116 7.18 -11.97 -10.79
N THR B 117 6.46 -10.86 -10.63
CA THR B 117 5.75 -10.59 -9.42
C THR B 117 4.30 -10.47 -9.74
N THR B 118 3.51 -10.46 -8.67
CA THR B 118 2.08 -10.35 -8.78
C THR B 118 1.71 -8.89 -8.53
N LEU B 119 0.75 -8.45 -9.29
CA LEU B 119 0.27 -7.11 -9.19
C LEU B 119 -1.09 -7.06 -8.57
N LEU B 120 -1.36 -6.00 -7.81
CA LEU B 120 -2.66 -5.87 -7.18
C LEU B 120 -3.63 -5.21 -8.14
N TYR B 121 -3.12 -4.25 -8.89
CA TYR B 121 -3.95 -3.51 -9.83
C TYR B 121 -4.87 -4.38 -10.71
N GLY B 122 -6.17 -4.09 -10.66
CA GLY B 122 -7.13 -4.84 -11.46
C GLY B 122 -7.66 -6.10 -10.82
N LYS B 123 -7.06 -6.51 -9.71
CA LYS B 123 -7.54 -7.70 -9.04
C LYS B 123 -8.68 -7.55 -8.05
N ALA B 124 -9.34 -8.67 -7.80
CA ALA B 124 -10.47 -8.71 -6.89
C ALA B 124 -10.06 -9.07 -5.47
N LEU B 125 -10.29 -8.13 -4.56
CA LEU B 125 -9.98 -8.34 -3.16
C LEU B 125 -11.28 -8.63 -2.40
N GLY B 126 -11.39 -9.84 -1.87
CA GLY B 126 -12.57 -10.24 -1.12
C GLY B 126 -12.37 -9.98 0.35
N ILE B 127 -13.30 -9.25 0.96
CA ILE B 127 -13.21 -8.93 2.37
C ILE B 127 -14.29 -9.65 3.16
N LEU B 128 -13.85 -10.36 4.17
CA LEU B 128 -14.74 -11.11 5.03
C LEU B 128 -14.96 -10.27 6.29
N GLY B 129 -16.15 -9.70 6.42
CA GLY B 129 -16.43 -8.86 7.56
C GLY B 129 -16.15 -7.44 7.14
N TYR B 130 -17.19 -6.60 7.14
CA TYR B 130 -16.98 -5.24 6.71
C TYR B 130 -17.10 -4.20 7.78
N GLY B 131 -16.15 -4.24 8.70
CA GLY B 131 -16.15 -3.27 9.78
C GLY B 131 -15.10 -2.17 9.59
N GLY B 132 -14.64 -1.60 10.69
CA GLY B 132 -13.64 -0.55 10.64
C GLY B 132 -12.41 -0.94 9.86
N ILE B 133 -11.96 -2.16 10.06
CA ILE B 133 -10.78 -2.65 9.37
C ILE B 133 -11.08 -2.91 7.91
N GLY B 134 -12.19 -3.58 7.64
CA GLY B 134 -12.58 -3.85 6.27
C GLY B 134 -12.81 -2.59 5.47
N ARG B 135 -13.33 -1.55 6.10
CA ARG B 135 -13.58 -0.30 5.40
C ARG B 135 -12.30 0.41 5.05
N ARG B 136 -11.37 0.41 5.98
CA ARG B 136 -10.07 1.04 5.78
C ARG B 136 -9.26 0.27 4.74
N VAL B 137 -9.36 -1.06 4.79
CA VAL B 137 -8.67 -1.94 3.86
C VAL B 137 -9.18 -1.66 2.46
N ALA B 138 -10.49 -1.52 2.33
CA ALA B 138 -11.15 -1.24 1.06
C ALA B 138 -10.81 0.14 0.49
N HIS B 139 -10.52 1.10 1.37
CA HIS B 139 -10.13 2.45 0.95
C HIS B 139 -8.77 2.35 0.29
N LEU B 140 -7.86 1.58 0.90
CA LEU B 140 -6.53 1.38 0.33
C LEU B 140 -6.61 0.57 -0.97
N ALA B 141 -7.45 -0.46 -0.96
CA ALA B 141 -7.63 -1.31 -2.13
C ALA B 141 -8.10 -0.54 -3.36
N LYS B 142 -9.03 0.40 -3.16
CA LYS B 142 -9.54 1.22 -4.26
C LYS B 142 -8.40 2.08 -4.80
N ALA B 143 -7.57 2.58 -3.90
CA ALA B 143 -6.44 3.40 -4.32
C ALA B 143 -5.47 2.59 -5.17
N PHE B 144 -5.26 1.33 -4.80
CA PHE B 144 -4.37 0.43 -5.55
C PHE B 144 -5.02 -0.03 -6.84
N GLY B 145 -6.24 0.40 -7.08
CA GLY B 145 -6.96 0.01 -8.27
C GLY B 145 -7.61 -1.36 -8.19
N MSE B 146 -7.77 -1.88 -6.99
CA MSE B 146 -8.38 -3.20 -6.84
C MSE B 146 -9.88 -3.10 -6.88
O MSE B 146 -10.44 -2.05 -6.65
CB MSE B 146 -7.94 -3.83 -5.53
CG MSE B 146 -6.46 -3.67 -5.24
SE MSE B 146 -5.97 -4.65 -3.80
CE MSE B 146 -5.97 -6.14 -4.45
N ARG B 147 -10.52 -4.22 -7.17
CA ARG B 147 -11.97 -4.32 -7.20
C ARG B 147 -12.27 -4.91 -5.82
N VAL B 148 -13.35 -4.48 -5.18
CA VAL B 148 -13.65 -5.00 -3.85
C VAL B 148 -14.95 -5.76 -3.70
N ILE B 149 -14.83 -6.95 -3.13
CA ILE B 149 -15.96 -7.81 -2.89
C ILE B 149 -16.07 -7.97 -1.39
N ALA B 150 -17.27 -7.76 -0.89
CA ALA B 150 -17.47 -7.85 0.54
C ALA B 150 -18.54 -8.82 0.93
N TYR B 151 -18.26 -9.49 2.02
CA TYR B 151 -19.22 -10.41 2.56
C TYR B 151 -19.49 -9.84 3.93
N THR B 152 -20.70 -9.36 4.14
CA THR B 152 -20.99 -8.77 5.43
C THR B 152 -22.39 -8.85 5.94
N ARG B 153 -22.45 -8.69 7.26
CA ARG B 153 -23.65 -8.63 8.03
C ARG B 153 -24.01 -7.14 7.86
N SER B 154 -24.66 -6.89 6.72
CA SER B 154 -25.12 -5.59 6.28
C SER B 154 -24.32 -4.32 6.54
N SER B 155 -24.39 -3.45 5.55
CA SER B 155 -23.75 -2.15 5.51
C SER B 155 -22.39 -2.26 4.85
N VAL B 156 -22.31 -1.66 3.68
CA VAL B 156 -21.08 -1.60 2.94
C VAL B 156 -21.12 -0.16 2.53
N ASP B 157 -20.02 0.34 2.02
CA ASP B 157 -20.04 1.70 1.60
C ASP B 157 -19.77 1.75 0.13
N GLN B 158 -19.37 2.92 -0.31
CA GLN B 158 -19.08 3.14 -1.70
C GLN B 158 -17.80 2.45 -2.18
N ASN B 159 -16.90 2.02 -1.31
CA ASN B 159 -15.70 1.37 -1.80
C ASN B 159 -15.85 -0.13 -2.03
N VAL B 160 -17.09 -0.58 -2.07
CA VAL B 160 -17.39 -1.98 -2.32
C VAL B 160 -18.08 -2.14 -3.66
N ASP B 161 -17.52 -2.98 -4.53
CA ASP B 161 -18.13 -3.15 -5.83
C ASP B 161 -19.09 -4.33 -5.89
N VAL B 162 -18.87 -5.32 -5.03
CA VAL B 162 -19.73 -6.49 -5.02
C VAL B 162 -20.01 -7.03 -3.63
N ILE B 163 -21.28 -7.27 -3.38
CA ILE B 163 -21.71 -7.81 -2.12
C ILE B 163 -21.95 -9.27 -2.40
N SER B 164 -21.28 -10.14 -1.66
CA SER B 164 -21.47 -11.55 -1.90
C SER B 164 -22.62 -12.10 -1.06
N GLU B 165 -23.02 -13.32 -1.38
CA GLU B 165 -24.13 -13.99 -0.72
C GLU B 165 -23.68 -14.90 0.38
N SER B 166 -22.46 -15.36 0.26
CA SER B 166 -21.94 -16.26 1.23
C SER B 166 -20.43 -16.18 1.16
N PRO B 167 -19.75 -16.73 2.16
CA PRO B 167 -18.30 -16.72 2.18
C PRO B 167 -17.75 -17.54 1.00
N ALA B 168 -18.44 -18.62 0.66
CA ALA B 168 -18.00 -19.44 -0.46
C ALA B 168 -18.10 -18.63 -1.74
N ASP B 169 -19.17 -17.85 -1.85
CA ASP B 169 -19.36 -17.00 -3.03
C ASP B 169 -18.26 -15.93 -3.08
N LEU B 170 -17.84 -15.45 -1.92
CA LEU B 170 -16.77 -14.46 -1.84
C LEU B 170 -15.46 -15.05 -2.34
N PHE B 171 -15.10 -16.21 -1.82
CA PHE B 171 -13.87 -16.89 -2.24
C PHE B 171 -13.86 -17.11 -3.74
N ARG B 172 -15.04 -17.40 -4.29
CA ARG B 172 -15.17 -17.66 -5.71
C ARG B 172 -14.89 -16.46 -6.60
N GLN B 173 -15.08 -15.26 -6.07
CA GLN B 173 -14.85 -14.05 -6.85
C GLN B 173 -13.57 -13.34 -6.45
N SER B 174 -12.79 -13.95 -5.58
CA SER B 174 -11.58 -13.31 -5.09
C SER B 174 -10.21 -13.88 -5.47
N ASP B 175 -9.25 -12.97 -5.65
CA ASP B 175 -7.87 -13.35 -5.93
C ASP B 175 -7.13 -13.25 -4.60
N PHE B 176 -7.67 -12.38 -3.76
CA PHE B 176 -7.13 -12.15 -2.44
C PHE B 176 -8.30 -12.09 -1.50
N VAL B 177 -8.14 -12.68 -0.32
CA VAL B 177 -9.18 -12.65 0.66
C VAL B 177 -8.63 -12.19 1.97
N LEU B 178 -9.28 -11.19 2.52
CA LEU B 178 -8.85 -10.67 3.80
C LEU B 178 -9.88 -11.03 4.86
N ILE B 179 -9.41 -11.59 5.97
CA ILE B 179 -10.32 -11.94 7.03
C ILE B 179 -10.25 -10.90 8.11
N ALA B 180 -11.34 -10.18 8.29
CA ALA B 180 -11.43 -9.15 9.29
C ALA B 180 -12.84 -9.22 9.89
N ILE B 181 -13.19 -10.38 10.43
CA ILE B 181 -14.50 -10.59 10.98
C ILE B 181 -14.38 -11.00 12.46
N PRO B 182 -15.32 -10.54 13.29
CA PRO B 182 -15.29 -10.88 14.73
C PRO B 182 -15.49 -12.36 14.98
N LEU B 183 -14.84 -12.85 16.02
CA LEU B 183 -14.92 -14.25 16.40
C LEU B 183 -16.14 -14.48 17.29
N THR B 184 -17.11 -15.19 16.76
CA THR B 184 -18.33 -15.51 17.50
C THR B 184 -18.61 -16.99 17.26
N ASP B 185 -19.74 -17.46 17.80
CA ASP B 185 -20.13 -18.85 17.63
C ASP B 185 -20.33 -19.27 16.19
N LYS B 186 -20.78 -18.39 15.32
CA LYS B 186 -20.96 -18.83 13.95
C LYS B 186 -19.75 -18.64 13.09
N THR B 187 -18.82 -17.83 13.56
CA THR B 187 -17.62 -17.60 12.77
C THR B 187 -16.49 -18.51 13.23
N ARG B 188 -16.56 -19.05 14.43
CA ARG B 188 -15.51 -19.95 14.90
C ARG B 188 -15.41 -21.15 13.95
N GLY B 189 -14.19 -21.44 13.49
CA GLY B 189 -13.96 -22.56 12.59
C GLY B 189 -14.55 -22.35 11.21
N MSE B 190 -15.06 -21.15 10.99
CA MSE B 190 -15.69 -20.72 9.74
C MSE B 190 -14.88 -21.05 8.49
O MSE B 190 -15.43 -21.54 7.51
CB MSE B 190 -15.95 -19.23 9.83
CG MSE B 190 -16.33 -18.55 8.55
SE MSE B 190 -16.71 -16.85 8.99
CE MSE B 190 -17.92 -16.51 7.82
N VAL B 191 -13.59 -20.75 8.52
CA VAL B 191 -12.75 -21.04 7.37
C VAL B 191 -12.36 -22.50 7.43
N ASN B 192 -13.07 -23.33 6.67
CA ASN B 192 -12.74 -24.76 6.70
C ASN B 192 -12.53 -25.43 5.34
N SER B 193 -12.05 -26.66 5.39
CA SER B 193 -11.78 -27.47 4.21
C SER B 193 -12.84 -27.19 3.17
N ARG B 194 -14.09 -27.20 3.60
CA ARG B 194 -15.19 -26.97 2.68
C ARG B 194 -15.20 -25.59 2.06
N LEU B 195 -14.91 -24.55 2.84
CA LEU B 195 -14.89 -23.20 2.31
C LEU B 195 -13.65 -22.98 1.42
N LEU B 196 -12.50 -23.47 1.87
CA LEU B 196 -11.24 -23.35 1.14
C LEU B 196 -11.27 -23.93 -0.27
N ALA B 197 -12.03 -25.00 -0.46
CA ALA B 197 -12.15 -25.64 -1.75
C ALA B 197 -12.61 -24.66 -2.83
N ASN B 198 -13.11 -23.49 -2.42
CA ASN B 198 -13.56 -22.50 -3.39
C ASN B 198 -12.41 -21.63 -3.91
N ALA B 199 -11.25 -21.73 -3.28
CA ALA B 199 -10.11 -20.89 -3.65
C ALA B 199 -9.67 -20.95 -5.10
N ARG B 200 -9.62 -19.79 -5.71
CA ARG B 200 -9.15 -19.66 -7.08
C ARG B 200 -7.71 -20.04 -7.02
N LYS B 201 -7.14 -20.27 -8.19
CA LYS B 201 -5.74 -20.61 -8.29
C LYS B 201 -4.92 -19.41 -7.84
N ASN B 202 -3.92 -19.67 -6.99
CA ASN B 202 -3.01 -18.64 -6.46
C ASN B 202 -3.62 -17.68 -5.45
N LEU B 203 -4.69 -18.09 -4.82
CA LEU B 203 -5.36 -17.27 -3.84
C LEU B 203 -4.42 -16.98 -2.69
N THR B 204 -4.49 -15.75 -2.20
CA THR B 204 -3.69 -15.33 -1.06
C THR B 204 -4.67 -14.94 0.02
N ILE B 205 -4.50 -15.54 1.18
CA ILE B 205 -5.37 -15.27 2.28
C ILE B 205 -4.66 -14.48 3.35
N VAL B 206 -5.30 -13.42 3.81
CA VAL B 206 -4.71 -12.59 4.83
C VAL B 206 -5.64 -12.59 6.04
N ASN B 207 -5.08 -12.93 7.20
CA ASN B 207 -5.86 -12.97 8.41
C ASN B 207 -5.45 -11.91 9.43
N VAL B 208 -6.33 -10.93 9.64
CA VAL B 208 -6.05 -9.90 10.64
C VAL B 208 -7.18 -9.89 11.67
N ALA B 209 -7.89 -11.01 11.79
CA ALA B 209 -8.98 -11.13 12.74
C ALA B 209 -8.54 -11.98 13.93
N ARG B 210 -8.96 -13.22 13.94
CA ARG B 210 -8.60 -14.14 15.01
C ARG B 210 -8.28 -15.49 14.43
N ALA B 211 -7.29 -16.15 15.01
CA ALA B 211 -6.89 -17.46 14.55
C ALA B 211 -8.05 -18.44 14.59
N ASP B 212 -8.89 -18.36 15.62
CA ASP B 212 -10.00 -19.30 15.74
C ASP B 212 -11.14 -19.17 14.74
N VAL B 213 -11.13 -18.13 13.91
CA VAL B 213 -12.15 -18.02 12.90
C VAL B 213 -11.72 -19.02 11.83
N VAL B 214 -10.51 -19.52 11.98
CA VAL B 214 -9.97 -20.52 11.06
C VAL B 214 -9.67 -21.86 11.72
N SER B 215 -10.11 -22.91 11.05
CA SER B 215 -9.86 -24.27 11.50
C SER B 215 -8.40 -24.54 11.24
N LYS B 216 -7.66 -24.68 12.32
CA LYS B 216 -6.25 -24.92 12.19
C LYS B 216 -5.86 -26.15 11.36
N PRO B 217 -6.40 -27.34 11.66
CA PRO B 217 -6.02 -28.51 10.84
C PRO B 217 -6.45 -28.39 9.38
N ASP B 218 -7.59 -27.74 9.14
CA ASP B 218 -8.09 -27.59 7.78
C ASP B 218 -7.19 -26.69 6.93
N MSE B 219 -6.72 -25.60 7.52
CA MSE B 219 -5.84 -24.67 6.82
C MSE B 219 -4.49 -25.30 6.55
O MSE B 219 -3.97 -25.24 5.44
CB MSE B 219 -5.69 -23.37 7.62
CG MSE B 219 -4.72 -22.35 7.05
SE MSE B 219 -4.93 -22.04 5.29
CE MSE B 219 -6.53 -21.26 5.17
N ILE B 220 -3.92 -25.91 7.58
CA ILE B 220 -2.62 -26.54 7.43
C ILE B 220 -2.68 -27.70 6.45
N GLY B 221 -3.85 -28.32 6.36
CA GLY B 221 -4.01 -29.43 5.45
C GLY B 221 -4.19 -28.94 4.03
N PHE B 222 -4.92 -27.84 3.91
CA PHE B 222 -5.18 -27.23 2.62
C PHE B 222 -3.92 -26.62 1.98
N LEU B 223 -2.98 -26.18 2.81
CA LEU B 223 -1.76 -25.57 2.31
C LEU B 223 -0.81 -26.60 1.71
N LYS B 224 -0.96 -27.85 2.14
CA LYS B 224 -0.15 -28.93 1.60
C LYS B 224 -0.71 -29.39 0.26
N GLU B 225 -2.02 -29.53 0.20
CA GLU B 225 -2.69 -29.95 -1.02
C GLU B 225 -2.52 -28.95 -2.09
N ARG B 226 -3.06 -27.80 -1.73
CA ARG B 226 -3.10 -26.62 -2.54
C ARG B 226 -1.90 -25.69 -2.32
N SER B 227 -0.73 -26.13 -2.76
CA SER B 227 0.52 -25.38 -2.59
C SER B 227 0.65 -24.00 -3.27
N ASP B 228 -0.33 -23.60 -4.08
CA ASP B 228 -0.28 -22.29 -4.76
C ASP B 228 -0.91 -21.25 -3.85
N VAL B 229 -1.67 -21.72 -2.86
CA VAL B 229 -2.34 -20.84 -1.92
C VAL B 229 -1.44 -20.46 -0.76
N TRP B 230 -1.48 -19.19 -0.41
CA TRP B 230 -0.67 -18.71 0.69
C TRP B 230 -1.56 -18.22 1.80
N TYR B 231 -1.04 -18.28 3.00
CA TYR B 231 -1.77 -17.84 4.15
C TYR B 231 -0.89 -16.85 4.89
N LEU B 232 -1.30 -15.59 4.89
CA LEU B 232 -0.54 -14.57 5.59
C LEU B 232 -1.34 -14.18 6.81
N SER B 233 -0.75 -14.33 7.97
CA SER B 233 -1.51 -14.00 9.16
C SER B 233 -0.76 -13.26 10.24
N ASP B 234 -1.51 -12.42 10.93
CA ASP B 234 -0.95 -11.65 12.02
C ASP B 234 -1.40 -12.32 13.31
N VAL B 235 -2.17 -13.39 13.20
CA VAL B 235 -2.66 -14.10 14.39
C VAL B 235 -2.55 -15.60 14.24
N TRP B 236 -2.03 -16.24 15.27
CA TRP B 236 -1.87 -17.67 15.25
C TRP B 236 -2.67 -18.32 16.37
N TRP B 237 -2.95 -19.62 16.28
CA TRP B 237 -3.71 -20.24 17.34
C TRP B 237 -2.86 -20.34 18.60
N ASN B 238 -3.56 -20.25 19.71
CA ASN B 238 -3.03 -20.30 21.06
C ASN B 238 -2.29 -19.02 21.41
N GLU B 239 -1.11 -18.79 20.87
CA GLU B 239 -0.38 -17.55 21.19
C GLU B 239 -0.33 -17.34 22.72
N PRO B 240 0.88 -17.29 23.27
CA PRO B 240 2.15 -17.42 22.58
C PRO B 240 2.69 -18.84 22.31
N GLU B 241 2.02 -19.88 22.79
CA GLU B 241 2.48 -21.26 22.56
C GLU B 241 2.18 -21.62 21.11
N ILE B 242 2.80 -20.91 20.20
CA ILE B 242 2.55 -21.15 18.78
C ILE B 242 3.17 -22.46 18.32
N THR B 243 2.51 -23.27 17.60
CA THR B 243 3.14 -24.38 17.13
C THR B 243 2.92 -24.66 15.71
N GLU B 244 3.78 -25.25 14.97
CA GLU B 244 3.32 -25.81 13.74
C GLU B 244 3.38 -24.71 12.66
N THR B 245 3.96 -23.74 13.15
CA THR B 245 4.30 -22.48 12.52
C THR B 245 5.27 -22.42 11.33
N ASN B 246 6.14 -23.41 11.16
CA ASN B 246 7.10 -23.39 10.05
C ASN B 246 6.52 -23.87 8.72
N LEU B 247 5.62 -23.07 8.15
CA LEU B 247 4.98 -23.37 6.87
C LEU B 247 5.74 -22.69 5.74
N ARG B 248 5.79 -23.31 4.58
CA ARG B 248 6.48 -22.69 3.45
C ARG B 248 5.63 -21.54 2.96
N ASN B 249 4.46 -21.89 2.40
CA ASN B 249 3.53 -20.91 1.84
C ASN B 249 2.77 -20.06 2.86
N ALA B 250 3.50 -19.34 3.69
CA ALA B 250 2.90 -18.46 4.67
C ALA B 250 3.91 -17.42 5.11
N ILE B 251 3.41 -16.26 5.52
CA ILE B 251 4.21 -15.18 6.04
C ILE B 251 3.42 -14.83 7.28
N LEU B 252 4.10 -14.79 8.41
CA LEU B 252 3.42 -14.56 9.66
C LEU B 252 3.98 -13.42 10.48
N SER B 253 3.12 -12.87 11.33
CA SER B 253 3.53 -11.81 12.22
C SER B 253 2.83 -12.05 13.56
N PRO B 254 3.49 -11.69 14.67
CA PRO B 254 3.01 -11.83 16.04
C PRO B 254 1.94 -10.86 16.60
N HIS B 255 0.75 -10.85 15.99
CA HIS B 255 -0.34 -10.01 16.50
C HIS B 255 0.13 -8.57 16.72
N VAL B 256 0.80 -7.99 15.73
CA VAL B 256 1.29 -6.62 15.85
C VAL B 256 0.62 -5.68 14.85
N ALA B 257 -0.38 -6.16 14.13
CA ALA B 257 -1.06 -5.34 13.13
C ALA B 257 -1.62 -4.03 13.70
N GLY B 258 -2.26 -4.10 14.86
CA GLY B 258 -2.84 -2.91 15.46
C GLY B 258 -1.96 -2.28 16.53
N GLY B 259 -0.66 -2.50 16.39
CA GLY B 259 0.29 -1.98 17.36
C GLY B 259 0.60 -3.08 18.35
N MSE B 260 0.75 -2.71 19.61
CA MSE B 260 1.07 -3.64 20.68
C MSE B 260 0.27 -3.24 21.90
O MSE B 260 -0.18 -2.09 22.01
CB MSE B 260 2.54 -3.55 21.05
CG MSE B 260 3.44 -4.65 20.56
SE MSE B 260 5.08 -3.93 20.58
CE MSE B 260 5.67 -4.36 22.20
N SER B 261 0.13 -4.18 22.82
CA SER B 261 -0.56 -3.98 24.11
C SER B 261 -1.40 -2.73 24.22
N GLY B 262 -0.99 -1.87 25.15
CA GLY B 262 -1.64 -0.60 25.39
C GLY B 262 -0.80 0.46 24.71
N GLU B 263 -0.41 0.19 23.47
CA GLU B 263 0.38 1.17 22.73
C GLU B 263 -0.51 2.34 22.40
N ILE B 264 0.00 3.54 22.59
CA ILE B 264 -0.74 4.70 22.20
C ILE B 264 0.04 5.27 21.04
N MSE B 265 -0.58 5.23 19.88
CA MSE B 265 0.02 5.77 18.69
C MSE B 265 -0.16 7.28 18.78
O MSE B 265 -1.22 7.75 19.17
CB MSE B 265 -0.67 5.15 17.49
CG MSE B 265 -0.43 3.64 17.44
SE MSE B 265 -1.31 2.80 16.11
CE MSE B 265 -0.53 3.54 14.73
N ASP B 266 0.92 8.00 18.49
CA ASP B 266 0.94 9.47 18.54
C ASP B 266 -0.11 10.12 17.71
N ILE B 267 -0.64 9.33 16.79
CA ILE B 267 -1.63 9.78 15.87
C ILE B 267 -3.06 9.78 16.45
N ALA B 268 -3.28 8.97 17.49
CA ALA B 268 -4.58 8.86 18.15
C ALA B 268 -5.07 10.20 18.66
N ILE B 269 -4.21 10.95 19.35
CA ILE B 269 -4.60 12.23 19.90
C ILE B 269 -5.06 13.22 18.84
N GLN B 270 -4.42 13.22 17.67
CA GLN B 270 -4.81 14.11 16.60
C GLN B 270 -6.17 13.75 16.03
N LEU B 271 -6.39 12.46 15.84
CA LEU B 271 -7.67 11.98 15.31
C LEU B 271 -8.79 12.36 16.28
N ALA B 272 -8.48 12.32 17.58
CA ALA B 272 -9.46 12.68 18.61
C ALA B 272 -9.91 14.13 18.42
N PHE B 273 -8.97 15.06 18.30
CA PHE B 273 -9.33 16.47 18.10
C PHE B 273 -10.03 16.70 16.79
N GLU B 274 -9.58 15.98 15.78
CA GLU B 274 -10.18 16.10 14.46
C GLU B 274 -11.63 15.71 14.48
N ASN B 275 -11.97 14.65 15.21
CA ASN B 275 -13.36 14.25 15.28
C ASN B 275 -14.19 15.34 15.94
N VAL B 276 -13.58 16.08 16.85
CA VAL B 276 -14.27 17.17 17.54
C VAL B 276 -14.64 18.26 16.55
N ARG B 277 -13.68 18.61 15.71
CA ARG B 277 -13.87 19.60 14.69
C ARG B 277 -14.91 19.15 13.67
N ASN B 278 -14.86 17.89 13.30
CA ASN B 278 -15.80 17.31 12.35
C ASN B 278 -17.19 17.22 12.93
N PHE B 279 -17.25 16.92 14.21
CA PHE B 279 -18.52 16.81 14.88
C PHE B 279 -19.23 18.13 14.81
N PHE B 280 -18.51 19.23 14.96
CA PHE B 280 -19.15 20.51 14.93
C PHE B 280 -19.45 21.13 13.58
N GLU B 281 -19.00 20.48 12.50
CA GLU B 281 -19.33 20.94 11.15
C GLU B 281 -20.61 20.16 10.90
N GLY B 282 -20.75 19.10 11.70
CA GLY B 282 -21.87 18.20 11.61
C GLY B 282 -21.44 16.92 10.91
N GLU B 283 -20.21 16.47 11.17
CA GLU B 283 -19.71 15.25 10.49
C GLU B 283 -18.75 14.33 11.22
N GLY B 284 -19.04 14.03 12.48
CA GLY B 284 -18.19 13.12 13.21
C GLY B 284 -18.14 11.78 12.49
N HIS B 285 -17.21 10.93 12.89
CA HIS B 285 -17.09 9.62 12.27
C HIS B 285 -18.17 8.68 12.81
N HIS B 286 -18.53 7.69 12.02
CA HIS B 286 -19.51 6.70 12.42
C HIS B 286 -18.66 5.69 13.17
N HIS B 287 -19.12 5.31 14.35
CA HIS B 287 -18.41 4.40 15.22
C HIS B 287 -18.53 2.91 14.88
N HIS B 288 -17.94 2.51 13.76
CA HIS B 288 -17.98 1.12 13.34
C HIS B 288 -17.13 0.18 14.19
N HIS B 289 -17.69 -0.99 14.50
CA HIS B 289 -16.96 -1.99 15.28
C HIS B 289 -15.84 -2.39 14.31
N HIS B 290 -14.71 -2.82 14.86
CA HIS B 290 -13.56 -3.22 14.05
C HIS B 290 -13.90 -4.37 13.10
K K C . 7.54 -6.04 -8.84
K K D . 1.63 -3.38 12.03
#